data_6MOB
#
_entry.id   6MOB
#
_cell.length_a   80.699
_cell.length_b   80.699
_cell.length_c   145.020
_cell.angle_alpha   90.000
_cell.angle_beta   90.000
_cell.angle_gamma   90.000
#
_symmetry.space_group_name_H-M   'P 43 21 2'
#
loop_
_entity.id
_entity.type
_entity.pdbx_description
1 polymer 'Mast/stem cell growth factor receptor Kit'
2 non-polymer 'NITRATE ION'
3 non-polymer "N-{4-chloro-5-[1-ethyl-7-(methylamino)-2-oxo-1,2-dihydro-1,6-naphthyridin-3-yl]-2-fluorophenyl}-N'-phenylurea"
4 water water
#
_entity_poly.entity_id   1
_entity_poly.type   'polypeptide(L)'
_entity_poly.pdbx_seq_one_letter_code
;NNYVYIDPTQLPYDHKWEFPRNRLSFGKTLGAGAFGKVVEATAYGLIKSDAAMTVAVKMLKPSAHLTEREALMSELKVLS
YLGNHMNIVNLLGACTIGGPTLVITEYCCYGDLLNFLRRKRDSFICSKTSPAIMEDDELALDLEDLLSFSYQVAKGMAFL
ASKNCIHRDLAARNILLTHGRITKICDFGLARDIKNDSNYVVKGNARLPVKWMAPESIFNCVYTFESDVWSYGIFLWELF
SLGSSPYPGMPVDSKFYKMIKEGFRMLSPEHAPAEMYDIMKTCWDADPLKRPTFKQIVQLIEKQISESTNHI
;
_entity_poly.pdbx_strand_id   A
#
loop_
_chem_comp.id
_chem_comp.type
_chem_comp.name
_chem_comp.formula
JWY non-polymer N-{4-chloro-5-[1-ethyl-7-(methylamino)-2-oxo-1,2-dihydro-1,6-naphthyridin-3-yl]-2-fluorophenyl}-N'-phenylurea 'C24 H21 Cl F N5 O2'
NO3 non-polymer 'NITRATE ION' 'N O3 -1'
#
# COMPACT_ATOMS: atom_id res chain seq x y z
N ASN A 2 5.38 1.93 -24.48
CA ASN A 2 6.82 2.10 -24.83
C ASN A 2 7.77 1.82 -23.66
N TYR A 3 7.56 0.69 -23.02
CA TYR A 3 8.35 0.31 -21.85
C TYR A 3 8.69 -1.15 -21.91
N VAL A 4 9.83 -1.52 -21.35
CA VAL A 4 10.09 -2.94 -21.06
C VAL A 4 10.20 -3.10 -19.54
N TYR A 5 10.09 -4.32 -19.05
CA TYR A 5 10.24 -4.60 -17.61
C TYR A 5 11.68 -4.99 -17.31
N ILE A 6 12.22 -4.47 -16.20
CA ILE A 6 13.55 -4.82 -15.74
C ILE A 6 13.44 -6.05 -14.82
N ASP A 7 14.43 -6.94 -14.88
CA ASP A 7 14.51 -8.03 -13.95
C ASP A 7 15.11 -7.43 -12.67
N PRO A 8 14.35 -7.41 -11.55
CA PRO A 8 14.90 -6.60 -10.44
C PRO A 8 16.14 -7.23 -9.83
N THR A 9 16.35 -8.52 -10.04
CA THR A 9 17.57 -9.17 -9.56
C THR A 9 18.85 -8.59 -10.18
N GLN A 10 18.70 -7.91 -11.32
CA GLN A 10 19.85 -7.28 -12.01
C GLN A 10 20.17 -5.87 -11.51
N LEU A 11 19.30 -5.29 -10.69
CA LEU A 11 19.57 -3.97 -10.14
C LEU A 11 20.74 -4.09 -9.17
N PRO A 12 21.49 -3.00 -8.96
CA PRO A 12 22.63 -3.04 -8.05
C PRO A 12 22.22 -3.00 -6.57
N TYR A 13 23.07 -3.57 -5.71
CA TYR A 13 22.95 -3.37 -4.28
C TYR A 13 24.16 -2.55 -3.83
N ASP A 14 23.89 -1.36 -3.32
CA ASP A 14 24.92 -0.44 -2.84
C ASP A 14 25.33 -0.85 -1.43
N HIS A 15 26.59 -1.24 -1.25
CA HIS A 15 27.03 -1.74 0.05
C HIS A 15 27.05 -0.72 1.17
N LYS A 16 26.82 0.56 0.85
CA LYS A 16 26.64 1.59 1.87
C LYS A 16 25.52 1.25 2.86
N TRP A 17 24.60 0.38 2.46
CA TRP A 17 23.45 0.01 3.32
C TRP A 17 23.79 -1.01 4.40
N GLU A 18 24.93 -1.67 4.25
CA GLU A 18 25.24 -2.79 5.10
C GLU A 18 25.29 -2.37 6.58
N PHE A 19 24.73 -3.18 7.45
CA PHE A 19 24.65 -2.89 8.90
C PHE A 19 24.92 -4.19 9.62
N PRO A 20 25.62 -4.14 10.77
CA PRO A 20 25.88 -5.46 11.38
C PRO A 20 24.66 -6.07 12.05
N ARG A 21 24.40 -7.34 11.79
CA ARG A 21 23.24 -7.98 12.40
C ARG A 21 23.30 -8.04 13.93
N ASN A 22 24.51 -7.97 14.48
CA ASN A 22 24.65 -8.07 15.94
C ASN A 22 24.22 -6.79 16.64
N ARG A 23 23.85 -5.77 15.86
CA ARG A 23 23.32 -4.50 16.35
CA ARG A 23 23.32 -4.51 16.35
C ARG A 23 21.79 -4.40 16.23
N LEU A 24 21.15 -5.55 15.99
CA LEU A 24 19.67 -5.66 15.95
C LEU A 24 19.15 -6.54 17.07
N SER A 25 18.06 -6.13 17.68
CA SER A 25 17.40 -6.94 18.67
C SER A 25 15.94 -7.15 18.25
N PHE A 26 15.54 -8.38 17.95
CA PHE A 26 14.20 -8.66 17.37
C PHE A 26 13.08 -8.65 18.41
N GLY A 27 11.93 -8.10 18.03
CA GLY A 27 10.73 -8.09 18.84
C GLY A 27 9.58 -8.83 18.17
N LYS A 28 8.39 -8.25 18.24
CA LYS A 28 7.19 -8.98 17.82
C LYS A 28 7.10 -9.07 16.30
N THR A 29 6.38 -10.07 15.84
CA THR A 29 6.13 -10.23 14.41
C THR A 29 5.04 -9.28 13.96
N LEU A 30 5.30 -8.56 12.88
CA LEU A 30 4.35 -7.58 12.32
C LEU A 30 3.50 -8.18 11.21
N GLY A 31 4.06 -9.17 10.52
CA GLY A 31 3.34 -9.86 9.45
C GLY A 31 4.15 -11.06 8.99
N ALA A 32 3.49 -12.09 8.49
CA ALA A 32 4.22 -13.29 8.04
C ALA A 32 3.43 -14.04 7.01
N GLY A 33 4.15 -14.58 6.03
CA GLY A 33 3.58 -15.48 5.05
C GLY A 33 4.18 -16.85 5.28
N ALA A 34 4.02 -17.69 4.26
CA ALA A 34 4.50 -19.06 4.29
C ALA A 34 6.03 -19.13 4.37
N PHE A 35 6.69 -18.16 3.74
CA PHE A 35 8.14 -18.24 3.54
C PHE A 35 8.94 -17.10 4.15
N GLY A 36 8.24 -16.15 4.79
CA GLY A 36 8.90 -14.92 5.21
C GLY A 36 8.14 -14.24 6.32
N LYS A 37 8.76 -13.24 6.94
CA LYS A 37 8.11 -12.46 7.97
C LYS A 37 8.81 -11.14 8.17
N VAL A 38 8.11 -10.25 8.87
CA VAL A 38 8.63 -8.95 9.21
C VAL A 38 8.49 -8.85 10.70
N VAL A 39 9.58 -8.44 11.38
CA VAL A 39 9.54 -8.26 12.83
C VAL A 39 9.83 -6.81 13.18
N GLU A 40 9.25 -6.32 14.27
CA GLU A 40 9.67 -5.04 14.82
C GLU A 40 11.00 -5.37 15.52
N ALA A 41 11.93 -4.42 15.51
CA ALA A 41 13.25 -4.64 16.13
C ALA A 41 13.83 -3.33 16.63
N THR A 42 14.82 -3.41 17.52
CA THR A 42 15.59 -2.20 17.85
C THR A 42 16.92 -2.28 17.16
N ALA A 43 17.32 -1.20 16.49
CA ALA A 43 18.61 -1.12 15.85
C ALA A 43 19.46 -0.17 16.69
N TYR A 44 20.68 -0.59 17.00
CA TYR A 44 21.61 0.23 17.83
C TYR A 44 22.66 0.93 16.98
N GLY A 45 22.54 2.26 16.92
CA GLY A 45 23.54 3.09 16.21
C GLY A 45 23.33 3.07 14.70
N LEU A 46 22.11 2.82 14.28
CA LEU A 46 21.82 2.71 12.85
C LEU A 46 22.03 4.05 12.17
N ILE A 47 21.46 5.10 12.74
CA ILE A 47 21.52 6.43 12.14
C ILE A 47 22.54 7.32 12.86
N LYS A 48 22.41 7.43 14.18
CA LYS A 48 23.40 8.13 14.99
C LYS A 48 24.00 7.11 15.96
N SER A 49 25.31 7.17 16.14
CA SER A 49 26.03 6.13 16.89
C SER A 49 25.61 6.02 18.34
N ASP A 50 25.05 7.09 18.91
CA ASP A 50 24.63 7.06 20.31
C ASP A 50 23.13 6.88 20.51
N ALA A 51 22.43 6.47 19.44
CA ALA A 51 20.97 6.39 19.47
C ALA A 51 20.50 5.03 19.02
N ALA A 52 19.43 4.55 19.66
CA ALA A 52 18.75 3.33 19.26
C ALA A 52 17.39 3.75 18.68
N MET A 53 16.86 2.93 17.81
CA MET A 53 15.56 3.24 17.21
C MET A 53 14.83 1.98 16.81
N THR A 54 13.50 2.11 16.70
CA THR A 54 12.65 1.02 16.33
C THR A 54 12.66 0.97 14.80
N VAL A 55 12.72 -0.25 14.27
CA VAL A 55 12.76 -0.49 12.83
C VAL A 55 11.91 -1.70 12.55
N ALA A 56 11.65 -1.95 11.26
CA ALA A 56 11.03 -3.20 10.83
C ALA A 56 12.07 -3.99 10.05
N VAL A 57 12.02 -5.31 10.16
CA VAL A 57 13.03 -6.14 9.51
C VAL A 57 12.34 -7.29 8.79
N LYS A 58 12.61 -7.42 7.50
CA LYS A 58 11.98 -8.46 6.70
C LYS A 58 13.03 -9.55 6.51
N MET A 59 12.61 -10.80 6.64
CA MET A 59 13.56 -11.94 6.58
C MET A 59 12.84 -13.17 6.08
N LEU A 60 13.60 -14.21 5.76
CA LEU A 60 12.99 -15.46 5.35
C LEU A 60 12.83 -16.44 6.50
N LYS A 61 11.86 -17.34 6.37
CA LYS A 61 11.71 -18.47 7.29
C LYS A 61 12.56 -19.64 6.77
N PRO A 62 12.88 -20.62 7.65
CA PRO A 62 13.57 -21.87 7.20
C PRO A 62 12.93 -22.53 5.96
N SER A 63 11.59 -22.50 5.85
CA SER A 63 10.87 -23.06 4.68
C SER A 63 11.16 -22.45 3.30
N ALA A 64 11.85 -21.32 3.25
CA ALA A 64 12.06 -20.60 1.97
C ALA A 64 13.06 -21.30 1.01
N HIS A 65 12.89 -21.05 -0.29
CA HIS A 65 13.80 -21.56 -1.32
C HIS A 65 14.41 -20.40 -2.09
N LEU A 66 15.11 -20.73 -3.19
CA LEU A 66 15.80 -19.75 -4.02
C LEU A 66 14.92 -18.61 -4.53
N THR A 67 13.68 -18.92 -4.92
CA THR A 67 12.79 -17.87 -5.43
CA THR A 67 12.73 -17.92 -5.41
C THR A 67 12.52 -16.83 -4.34
N GLU A 68 12.40 -17.26 -3.10
CA GLU A 68 12.14 -16.33 -1.98
C GLU A 68 13.37 -15.53 -1.60
N ARG A 69 14.54 -16.17 -1.70
CA ARG A 69 15.80 -15.48 -1.48
C ARG A 69 15.99 -14.38 -2.50
N GLU A 70 15.65 -14.68 -3.76
CA GLU A 70 15.69 -13.67 -4.80
C GLU A 70 14.64 -12.60 -4.55
N ALA A 71 13.49 -13.01 -4.05
CA ALA A 71 12.39 -12.04 -3.88
C ALA A 71 12.81 -11.01 -2.82
N LEU A 72 13.42 -11.50 -1.73
CA LEU A 72 13.86 -10.60 -0.65
C LEU A 72 14.98 -9.67 -1.13
N MET A 73 15.97 -10.21 -1.86
CA MET A 73 17.04 -9.35 -2.36
C MET A 73 16.46 -8.34 -3.35
N SER A 74 15.44 -8.74 -4.12
CA SER A 74 14.80 -7.82 -5.05
C SER A 74 14.09 -6.67 -4.33
N GLU A 75 13.42 -6.97 -3.22
CA GLU A 75 12.83 -5.88 -2.41
C GLU A 75 13.89 -4.88 -1.97
N LEU A 76 15.03 -5.39 -1.50
CA LEU A 76 16.15 -4.53 -1.12
C LEU A 76 16.64 -3.68 -2.30
N LYS A 77 16.80 -4.32 -3.45
CA LYS A 77 17.28 -3.60 -4.63
C LYS A 77 16.30 -2.56 -5.16
N VAL A 78 15.01 -2.86 -5.03
CA VAL A 78 13.96 -1.97 -5.51
C VAL A 78 13.95 -0.75 -4.61
N LEU A 79 13.97 -0.95 -3.29
CA LEU A 79 14.00 0.24 -2.41
C LEU A 79 15.26 1.09 -2.60
N SER A 80 16.39 0.44 -2.80
CA SER A 80 17.65 1.14 -3.05
CA SER A 80 17.66 1.11 -3.09
C SER A 80 17.56 1.99 -4.32
N TYR A 81 16.95 1.41 -5.36
CA TYR A 81 16.69 2.10 -6.61
C TYR A 81 15.78 3.30 -6.44
N LEU A 82 14.65 3.10 -5.74
CA LEU A 82 13.66 4.17 -5.60
C LEU A 82 14.20 5.36 -4.81
N GLY A 83 14.98 5.08 -3.77
CA GLY A 83 15.41 6.14 -2.85
C GLY A 83 14.29 6.49 -1.89
N ASN A 84 14.43 7.64 -1.22
CA ASN A 84 13.48 8.02 -0.20
C ASN A 84 12.38 8.91 -0.74
N HIS A 85 11.19 8.71 -0.19
CA HIS A 85 10.09 9.65 -0.38
C HIS A 85 9.27 9.56 0.91
N MET A 86 8.69 10.67 1.35
N MET A 86 8.69 10.68 1.33
CA MET A 86 7.90 10.68 2.60
CA MET A 86 7.87 10.75 2.55
C MET A 86 6.77 9.66 2.61
C MET A 86 6.78 9.70 2.60
N ASN A 87 6.24 9.36 1.43
CA ASN A 87 5.06 8.51 1.33
C ASN A 87 5.24 7.08 0.87
N ILE A 88 6.48 6.58 0.99
CA ILE A 88 6.72 5.15 0.81
CA ILE A 88 6.82 5.19 0.73
C ILE A 88 7.61 4.71 1.96
N VAL A 89 7.58 3.42 2.23
CA VAL A 89 8.42 2.81 3.28
C VAL A 89 9.89 3.14 2.94
N ASN A 90 10.65 3.68 3.90
CA ASN A 90 12.02 4.01 3.54
CA ASN A 90 12.05 4.12 3.70
C ASN A 90 13.03 3.00 4.06
N LEU A 91 13.94 2.63 3.17
CA LEU A 91 15.01 1.68 3.53
C LEU A 91 16.01 2.40 4.46
N LEU A 92 16.45 1.70 5.50
CA LEU A 92 17.44 2.23 6.45
C LEU A 92 18.73 1.42 6.43
N GLY A 93 18.65 0.17 6.00
CA GLY A 93 19.89 -0.68 5.94
C GLY A 93 19.61 -2.14 5.63
N ALA A 94 20.65 -2.97 5.63
CA ALA A 94 20.46 -4.38 5.30
C ALA A 94 21.61 -5.19 5.90
N CYS A 95 21.37 -6.47 6.15
CA CYS A 95 22.43 -7.40 6.58
C CYS A 95 22.45 -8.48 5.51
N THR A 96 23.46 -8.46 4.65
CA THR A 96 23.50 -9.43 3.55
C THR A 96 24.66 -10.43 3.70
N ILE A 97 25.52 -10.20 4.67
CA ILE A 97 26.65 -11.11 4.93
C ILE A 97 26.58 -11.70 6.35
N GLY A 98 27.23 -12.85 6.54
CA GLY A 98 27.32 -13.48 7.86
C GLY A 98 26.05 -14.05 8.43
N GLY A 99 25.08 -14.32 7.56
CA GLY A 99 23.84 -14.95 8.01
C GLY A 99 22.69 -14.67 7.06
N PRO A 100 21.47 -14.99 7.47
CA PRO A 100 20.33 -14.78 6.55
C PRO A 100 20.19 -13.30 6.17
N THR A 101 19.71 -13.03 4.95
CA THR A 101 19.48 -11.67 4.47
C THR A 101 18.41 -10.98 5.31
N LEU A 102 18.68 -9.74 5.73
CA LEU A 102 17.71 -8.97 6.55
C LEU A 102 17.58 -7.63 5.87
N VAL A 103 16.35 -7.14 5.72
CA VAL A 103 16.18 -5.85 5.06
C VAL A 103 15.51 -4.97 6.10
N ILE A 104 16.09 -3.80 6.38
CA ILE A 104 15.68 -2.99 7.54
C ILE A 104 15.06 -1.71 7.03
N THR A 105 13.86 -1.42 7.48
CA THR A 105 13.22 -0.17 7.06
C THR A 105 12.69 0.56 8.29
N GLU A 106 12.19 1.76 8.09
CA GLU A 106 11.40 2.39 9.13
C GLU A 106 10.24 1.49 9.63
N TYR A 107 9.87 1.69 10.90
CA TYR A 107 8.74 1.00 11.47
C TYR A 107 7.55 1.98 11.47
N CYS A 108 6.44 1.53 10.87
CA CYS A 108 5.25 2.38 10.80
C CYS A 108 4.36 2.04 12.00
N CYS A 109 4.25 2.98 12.93
CA CYS A 109 3.76 2.61 14.25
C CYS A 109 2.27 2.34 14.35
N TYR A 110 1.47 2.75 13.34
CA TYR A 110 0.01 2.55 13.44
C TYR A 110 -0.52 1.37 12.63
N GLY A 111 0.36 0.64 11.95
CA GLY A 111 -0.09 -0.55 11.23
C GLY A 111 -0.73 -0.14 9.90
N ASP A 112 -1.45 -1.07 9.29
CA ASP A 112 -2.03 -0.78 7.97
C ASP A 112 -3.28 0.14 8.08
N LEU A 113 -3.48 0.92 7.03
CA LEU A 113 -4.57 1.89 6.93
C LEU A 113 -5.96 1.26 6.99
N LEU A 114 -6.15 0.09 6.39
CA LEU A 114 -7.45 -0.55 6.43
C LEU A 114 -7.93 -0.82 7.86
N ASN A 115 -7.07 -1.45 8.67
CA ASN A 115 -7.46 -1.74 10.07
C ASN A 115 -7.62 -0.47 10.91
N PHE A 116 -6.83 0.54 10.59
CA PHE A 116 -6.88 1.84 11.26
C PHE A 116 -8.26 2.49 10.96
N LEU A 117 -8.66 2.48 9.70
CA LEU A 117 -9.95 3.07 9.33
C LEU A 117 -11.09 2.32 9.99
N ARG A 118 -10.99 1.00 10.02
CA ARG A 118 -12.01 0.20 10.65
C ARG A 118 -12.17 0.47 12.15
N ARG A 119 -11.14 0.94 12.85
CA ARG A 119 -11.32 1.25 14.28
CA ARG A 119 -11.33 1.25 14.28
C ARG A 119 -11.63 2.73 14.54
N LYS A 120 -11.85 3.50 13.48
CA LYS A 120 -12.15 4.94 13.61
C LYS A 120 -13.54 5.26 13.07
N ARG A 121 -14.39 4.25 12.96
CA ARG A 121 -15.70 4.45 12.30
C ARG A 121 -16.61 5.39 13.09
N ASP A 122 -16.44 5.35 14.40
CA ASP A 122 -17.26 6.19 15.30
C ASP A 122 -16.86 7.67 15.24
N SER A 123 -15.81 7.99 14.47
CA SER A 123 -15.51 9.38 14.21
C SER A 123 -16.50 10.01 13.23
N PHE A 124 -17.34 9.17 12.62
CA PHE A 124 -18.21 9.64 11.53
C PHE A 124 -19.64 9.23 11.82
N ILE A 125 -20.60 9.93 11.19
CA ILE A 125 -22.01 9.64 11.34
C ILE A 125 -22.76 9.72 10.00
N CYS A 126 -23.85 9.00 9.89
CA CYS A 126 -24.72 9.09 8.69
C CYS A 126 -25.56 10.37 8.59
N SER A 127 -26.00 10.67 7.37
CA SER A 127 -26.79 11.86 7.06
C SER A 127 -28.22 11.66 7.52
N LYS A 128 -28.50 12.06 8.75
CA LYS A 128 -29.81 11.88 9.35
C LYS A 128 -30.12 13.14 10.15
N THR A 129 -31.33 13.17 10.66
CA THR A 129 -31.86 14.43 11.15
C THR A 129 -32.13 14.28 12.63
N SER A 130 -31.58 13.04 13.38
CA SER A 130 -31.84 12.84 14.78
C SER A 130 -30.71 13.43 15.62
N PRO A 131 -31.03 13.85 16.86
CA PRO A 131 -29.96 14.36 17.70
C PRO A 131 -28.86 13.31 17.97
N ALA A 132 -27.63 13.79 18.07
CA ALA A 132 -26.48 12.88 18.29
C ALA A 132 -25.72 13.34 19.49
N ILE A 133 -25.12 12.38 20.21
CA ILE A 133 -24.31 12.72 21.38
C ILE A 133 -22.87 12.34 21.07
N MET A 134 -21.93 13.20 21.45
CA MET A 134 -20.50 12.93 21.19
C MET A 134 -19.71 12.77 22.47
N GLU A 135 -18.51 12.21 22.34
CA GLU A 135 -17.60 12.08 23.46
C GLU A 135 -16.27 12.63 23.00
N ASP A 136 -15.53 13.27 23.91
CA ASP A 136 -14.25 13.83 23.57
C ASP A 136 -13.28 12.68 23.27
N ASP A 137 -12.48 12.86 22.23
CA ASP A 137 -11.48 11.85 21.83
C ASP A 137 -10.38 12.52 20.99
N GLU A 138 -9.22 12.75 21.61
CA GLU A 138 -8.12 13.46 20.97
C GLU A 138 -7.59 12.65 19.76
N LEU A 139 -7.90 11.37 19.70
CA LEU A 139 -7.41 10.52 18.60
C LEU A 139 -8.48 10.25 17.52
N ALA A 140 -9.55 11.06 17.52
CA ALA A 140 -10.57 10.94 16.46
C ALA A 140 -10.03 11.27 15.06
N LEU A 141 -10.76 10.83 14.05
CA LEU A 141 -10.47 11.18 12.68
C LEU A 141 -11.53 12.15 12.19
N ASP A 142 -11.18 12.96 11.21
CA ASP A 142 -12.19 13.75 10.51
C ASP A 142 -12.01 13.72 8.99
N LEU A 143 -12.90 14.40 8.27
CA LEU A 143 -12.82 14.43 6.82
C LEU A 143 -11.49 14.99 6.31
N GLU A 144 -10.94 16.01 6.99
CA GLU A 144 -9.64 16.53 6.57
C GLU A 144 -8.53 15.46 6.61
N ASP A 145 -8.59 14.55 7.58
CA ASP A 145 -7.62 13.43 7.64
C ASP A 145 -7.77 12.52 6.43
N LEU A 146 -9.03 12.20 6.07
CA LEU A 146 -9.25 11.34 4.88
C LEU A 146 -8.73 12.01 3.61
N LEU A 147 -8.98 13.31 3.48
CA LEU A 147 -8.46 14.04 2.33
C LEU A 147 -6.93 14.02 2.33
N SER A 148 -6.35 14.17 3.51
CA SER A 148 -4.88 14.12 3.61
C SER A 148 -4.36 12.72 3.20
N PHE A 149 -5.00 11.67 3.67
CA PHE A 149 -4.57 10.31 3.24
C PHE A 149 -4.69 10.15 1.72
N SER A 150 -5.76 10.68 1.10
CA SER A 150 -5.90 10.60 -0.36
CA SER A 150 -5.91 10.62 -0.36
C SER A 150 -4.76 11.31 -1.07
N TYR A 151 -4.39 12.48 -0.57
CA TYR A 151 -3.36 13.30 -1.15
C TYR A 151 -1.99 12.63 -0.98
N GLN A 152 -1.73 12.15 0.23
CA GLN A 152 -0.40 11.56 0.51
C GLN A 152 -0.16 10.31 -0.36
N VAL A 153 -1.20 9.50 -0.50
CA VAL A 153 -1.07 8.27 -1.31
C VAL A 153 -0.91 8.63 -2.80
N ALA A 154 -1.65 9.66 -3.26
CA ALA A 154 -1.44 10.12 -4.63
C ALA A 154 -0.01 10.63 -4.85
N LYS A 155 0.57 11.34 -3.87
CA LYS A 155 1.94 11.85 -4.04
C LYS A 155 2.93 10.69 -4.06
N GLY A 156 2.68 9.70 -3.22
CA GLY A 156 3.58 8.53 -3.16
C GLY A 156 3.49 7.79 -4.49
N MET A 157 2.28 7.65 -5.01
CA MET A 157 2.13 6.96 -6.32
C MET A 157 2.70 7.76 -7.49
N ALA A 158 2.53 9.08 -7.46
CA ALA A 158 3.17 9.94 -8.47
C ALA A 158 4.70 9.79 -8.45
N PHE A 159 5.25 9.69 -7.25
CA PHE A 159 6.68 9.44 -7.07
C PHE A 159 7.05 8.12 -7.72
N LEU A 160 6.34 7.05 -7.39
CA LEU A 160 6.65 5.74 -7.98
C LEU A 160 6.58 5.80 -9.50
N ALA A 161 5.51 6.39 -10.04
CA ALA A 161 5.39 6.50 -11.48
C ALA A 161 6.55 7.28 -12.09
N SER A 162 7.01 8.32 -11.41
CA SER A 162 8.17 9.12 -11.86
C SER A 162 9.48 8.30 -11.93
N LYS A 163 9.52 7.22 -11.13
CA LYS A 163 10.66 6.30 -11.15
CA LYS A 163 10.65 6.29 -11.13
C LYS A 163 10.40 5.07 -12.02
N ASN A 164 9.37 5.13 -12.86
CA ASN A 164 8.98 4.00 -13.72
C ASN A 164 8.62 2.74 -12.93
N CYS A 165 8.02 2.94 -11.75
CA CYS A 165 7.62 1.80 -10.92
C CYS A 165 6.10 1.65 -10.88
N ILE A 166 5.63 0.44 -11.12
CA ILE A 166 4.23 0.05 -10.93
CA ILE A 166 4.23 0.14 -10.86
C ILE A 166 4.15 -0.77 -9.64
N HIS A 167 3.23 -0.44 -8.74
CA HIS A 167 3.16 -1.16 -7.48
C HIS A 167 2.44 -2.50 -7.62
N ARG A 168 1.35 -2.53 -8.41
CA ARG A 168 0.55 -3.76 -8.67
C ARG A 168 -0.27 -4.31 -7.53
N ASP A 169 -0.28 -3.70 -6.35
CA ASP A 169 -1.20 -4.19 -5.30
C ASP A 169 -1.61 -3.03 -4.41
N LEU A 170 -2.00 -1.93 -5.04
CA LEU A 170 -2.38 -0.74 -4.25
C LEU A 170 -3.75 -1.01 -3.64
N ALA A 171 -3.83 -0.86 -2.31
CA ALA A 171 -5.06 -1.17 -1.51
C ALA A 171 -4.80 -0.64 -0.11
N ALA A 172 -5.85 -0.35 0.64
CA ALA A 172 -5.67 0.19 2.01
C ALA A 172 -4.87 -0.77 2.89
N ARG A 173 -5.02 -2.08 2.67
CA ARG A 173 -4.27 -3.08 3.43
C ARG A 173 -2.75 -3.01 3.19
N ASN A 174 -2.32 -2.38 2.10
CA ASN A 174 -0.90 -2.27 1.75
C ASN A 174 -0.34 -0.88 1.94
N ILE A 175 -1.11 -0.02 2.61
CA ILE A 175 -0.63 1.30 2.95
CA ILE A 175 -0.69 1.34 2.98
C ILE A 175 -0.50 1.35 4.48
N LEU A 176 0.68 1.76 4.96
CA LEU A 176 0.92 1.83 6.41
C LEU A 176 0.72 3.24 6.90
N LEU A 177 0.55 3.38 8.21
CA LEU A 177 0.39 4.71 8.80
C LEU A 177 1.42 4.85 9.93
N THR A 178 2.04 6.01 10.01
CA THR A 178 3.07 6.20 11.01
C THR A 178 2.95 7.57 11.70
N HIS A 179 3.93 7.88 12.57
CA HIS A 179 3.98 9.15 13.27
C HIS A 179 3.58 10.34 12.39
N GLY A 180 2.70 11.18 12.93
CA GLY A 180 2.28 12.37 12.20
C GLY A 180 1.10 12.07 11.27
N ARG A 181 0.55 10.85 11.39
CA ARG A 181 -0.47 10.35 10.47
C ARG A 181 0.01 10.49 9.00
N ILE A 182 1.23 10.02 8.78
CA ILE A 182 1.85 10.01 7.45
CA ILE A 182 1.83 10.01 7.44
C ILE A 182 1.65 8.61 6.87
N THR A 183 1.15 8.53 5.63
CA THR A 183 0.88 7.22 5.03
C THR A 183 2.08 6.80 4.22
N LYS A 184 2.35 5.49 4.24
CA LYS A 184 3.51 4.94 3.51
C LYS A 184 3.09 3.72 2.73
N ILE A 185 3.28 3.80 1.42
CA ILE A 185 2.97 2.68 0.52
C ILE A 185 4.00 1.58 0.79
N CYS A 186 3.53 0.33 0.90
CA CYS A 186 4.40 -0.77 1.32
C CYS A 186 4.33 -1.93 0.33
N ASP A 187 5.42 -2.69 0.17
CA ASP A 187 5.37 -4.02 -0.45
C ASP A 187 5.21 -5.07 0.67
N PHE A 188 4.04 -5.71 0.71
CA PHE A 188 3.71 -6.71 1.71
C PHE A 188 4.18 -8.11 1.28
N GLY A 189 5.06 -8.18 0.27
CA GLY A 189 5.65 -9.49 -0.07
C GLY A 189 6.33 -10.08 1.15
N LEU A 190 6.28 -11.41 1.29
CA LEU A 190 6.87 -12.12 2.45
C LEU A 190 6.29 -11.67 3.80
N ALA A 191 5.13 -11.01 3.79
CA ALA A 191 4.62 -10.41 5.02
C ALA A 191 3.12 -10.67 5.20
N ARG A 192 2.59 -11.59 4.40
CA ARG A 192 1.17 -11.93 4.42
C ARG A 192 1.05 -13.31 3.78
N ASP A 193 0.21 -14.14 4.34
CA ASP A 193 -0.08 -15.39 3.67
C ASP A 193 -1.38 -15.18 2.90
N ILE A 194 -1.25 -15.02 1.59
CA ILE A 194 -2.39 -14.63 0.79
C ILE A 194 -3.39 -15.76 0.68
N LYS A 195 -2.95 -17.00 0.93
CA LYS A 195 -3.87 -18.14 0.83
C LYS A 195 -4.97 -18.04 1.87
N ASN A 196 -4.73 -17.30 2.94
CA ASN A 196 -5.74 -17.09 3.94
C ASN A 196 -6.32 -15.67 4.00
N ASP A 197 -6.14 -14.91 2.92
CA ASP A 197 -6.77 -13.60 2.83
C ASP A 197 -7.76 -13.72 1.67
N SER A 198 -9.06 -13.64 1.98
CA SER A 198 -10.10 -13.87 0.99
C SER A 198 -10.13 -12.82 -0.12
N ASN A 199 -9.43 -11.69 0.11
CA ASN A 199 -9.32 -10.63 -0.90
C ASN A 199 -8.46 -11.06 -2.11
N TYR A 200 -7.67 -12.12 -1.93
CA TYR A 200 -6.91 -12.68 -3.03
C TYR A 200 -7.66 -13.91 -3.54
N VAL A 201 -8.13 -13.80 -4.77
CA VAL A 201 -9.02 -14.81 -5.34
C VAL A 201 -8.25 -15.63 -6.35
N VAL A 202 -8.44 -16.95 -6.34
CA VAL A 202 -7.87 -17.75 -7.40
C VAL A 202 -8.54 -17.42 -8.73
N LYS A 203 -7.73 -17.03 -9.71
CA LYS A 203 -8.16 -16.88 -11.09
C LYS A 203 -7.08 -17.57 -11.92
N GLY A 204 -7.41 -18.72 -12.52
CA GLY A 204 -6.38 -19.54 -13.18
C GLY A 204 -5.27 -19.95 -12.23
N ASN A 205 -4.04 -19.64 -12.62
CA ASN A 205 -2.84 -20.08 -11.90
C ASN A 205 -2.47 -19.27 -10.64
N ALA A 206 -3.09 -18.11 -10.46
CA ALA A 206 -2.60 -17.14 -9.47
C ALA A 206 -3.67 -16.73 -8.45
N ARG A 207 -3.25 -16.24 -7.28
CA ARG A 207 -4.18 -15.61 -6.34
C ARG A 207 -4.03 -14.08 -6.45
N LEU A 208 -5.11 -13.43 -6.88
CA LEU A 208 -5.05 -12.04 -7.32
C LEU A 208 -6.07 -11.18 -6.60
N PRO A 209 -5.72 -9.91 -6.33
CA PRO A 209 -6.62 -9.01 -5.59
C PRO A 209 -7.69 -8.44 -6.55
N VAL A 210 -8.54 -9.33 -7.07
CA VAL A 210 -9.40 -8.97 -8.21
C VAL A 210 -10.25 -7.70 -8.03
N LYS A 211 -10.83 -7.49 -6.83
CA LYS A 211 -11.66 -6.27 -6.64
C LYS A 211 -10.89 -4.95 -6.75
N TRP A 212 -9.57 -5.02 -6.72
CA TRP A 212 -8.73 -3.81 -6.83
C TRP A 212 -8.15 -3.65 -8.23
N MET A 213 -8.38 -4.62 -9.12
CA MET A 213 -7.63 -4.69 -10.38
C MET A 213 -8.34 -4.10 -11.58
N ALA A 214 -7.58 -3.44 -12.45
CA ALA A 214 -8.12 -2.91 -13.70
C ALA A 214 -8.51 -4.07 -14.65
N PRO A 215 -9.56 -3.87 -15.48
CA PRO A 215 -10.02 -4.98 -16.33
C PRO A 215 -8.93 -5.49 -17.25
N GLU A 216 -8.09 -4.61 -17.78
CA GLU A 216 -6.99 -5.03 -18.65
C GLU A 216 -6.00 -5.90 -17.91
N SER A 217 -5.84 -5.67 -16.61
CA SER A 217 -5.02 -6.55 -15.78
C SER A 217 -5.69 -7.92 -15.55
N ILE A 218 -6.98 -7.91 -15.21
CA ILE A 218 -7.65 -9.15 -14.89
C ILE A 218 -7.75 -10.00 -16.16
N PHE A 219 -8.14 -9.36 -17.26
CA PHE A 219 -8.54 -10.12 -18.46
C PHE A 219 -7.40 -10.33 -19.45
N ASN A 220 -6.47 -9.39 -19.49
CA ASN A 220 -5.42 -9.41 -20.53
C ASN A 220 -4.01 -9.51 -19.99
N CYS A 221 -3.85 -9.65 -18.66
CA CYS A 221 -2.54 -9.65 -17.96
C CYS A 221 -1.67 -8.44 -18.32
N VAL A 222 -2.30 -7.29 -18.50
CA VAL A 222 -1.66 -6.01 -18.83
C VAL A 222 -1.49 -5.19 -17.53
N TYR A 223 -0.29 -4.69 -17.26
CA TYR A 223 -0.08 -3.84 -16.05
C TYR A 223 0.66 -2.59 -16.46
N THR A 224 0.09 -1.43 -16.18
CA THR A 224 0.70 -0.16 -16.60
C THR A 224 0.55 0.84 -15.47
N PHE A 225 1.15 2.01 -15.66
CA PHE A 225 0.86 3.12 -14.78
C PHE A 225 -0.65 3.31 -14.61
N GLU A 226 -1.41 3.15 -15.69
CA GLU A 226 -2.84 3.42 -15.60
C GLU A 226 -3.65 2.32 -14.88
N SER A 227 -3.12 1.10 -14.84
CA SER A 227 -3.79 0.05 -14.08
C SER A 227 -3.62 0.33 -12.56
N ASP A 228 -2.47 0.89 -12.17
CA ASP A 228 -2.30 1.34 -10.77
C ASP A 228 -3.31 2.45 -10.43
N VAL A 229 -3.62 3.32 -11.40
CA VAL A 229 -4.58 4.42 -11.16
C VAL A 229 -5.99 3.85 -10.85
N TRP A 230 -6.38 2.80 -11.57
CA TRP A 230 -7.62 2.12 -11.26
C TRP A 230 -7.64 1.65 -9.79
N SER A 231 -6.57 0.99 -9.36
CA SER A 231 -6.50 0.53 -7.98
C SER A 231 -6.58 1.70 -6.99
N TYR A 232 -5.91 2.80 -7.31
CA TYR A 232 -5.99 4.00 -6.47
C TYR A 232 -7.47 4.46 -6.33
N GLY A 233 -8.22 4.48 -7.44
CA GLY A 233 -9.67 4.73 -7.33
C GLY A 233 -10.39 3.79 -6.35
N ILE A 234 -10.09 2.49 -6.38
CA ILE A 234 -10.69 1.56 -5.42
C ILE A 234 -10.24 1.89 -3.98
N PHE A 235 -8.95 2.16 -3.81
CA PHE A 235 -8.47 2.64 -2.51
C PHE A 235 -9.24 3.89 -2.00
N LEU A 236 -9.49 4.85 -2.88
CA LEU A 236 -10.29 6.04 -2.43
C LEU A 236 -11.66 5.62 -1.93
N TRP A 237 -12.27 4.65 -2.61
CA TRP A 237 -13.55 4.15 -2.20
C TRP A 237 -13.44 3.49 -0.85
N GLU A 238 -12.39 2.71 -0.61
CA GLU A 238 -12.18 2.13 0.70
C GLU A 238 -12.01 3.25 1.74
N LEU A 239 -11.26 4.27 1.38
CA LEU A 239 -10.99 5.38 2.29
C LEU A 239 -12.26 6.08 2.74
N PHE A 240 -13.06 6.53 1.77
CA PHE A 240 -14.24 7.34 2.13
C PHE A 240 -15.41 6.52 2.59
N SER A 241 -15.30 5.19 2.45
CA SER A 241 -16.25 4.27 3.03
C SER A 241 -15.78 3.76 4.40
N LEU A 242 -14.72 4.38 4.95
CA LEU A 242 -14.23 4.01 6.29
CA LEU A 242 -14.15 4.01 6.27
C LEU A 242 -13.84 2.53 6.37
N GLY A 243 -13.26 2.01 5.30
CA GLY A 243 -12.75 0.65 5.39
C GLY A 243 -13.68 -0.46 4.99
N SER A 244 -14.78 -0.13 4.30
CA SER A 244 -15.66 -1.16 3.76
CA SER A 244 -15.64 -1.18 3.81
C SER A 244 -14.89 -1.96 2.73
N SER A 245 -15.18 -3.25 2.65
CA SER A 245 -14.77 -4.06 1.50
C SER A 245 -15.43 -3.49 0.23
N PRO A 246 -14.68 -3.39 -0.88
CA PRO A 246 -15.28 -2.91 -2.13
C PRO A 246 -16.28 -3.92 -2.64
N TYR A 247 -17.19 -3.44 -3.50
CA TYR A 247 -18.29 -4.26 -4.05
C TYR A 247 -18.93 -5.04 -2.91
N PRO A 248 -19.39 -4.33 -1.87
CA PRO A 248 -19.75 -5.03 -0.63
C PRO A 248 -20.88 -6.04 -0.86
N GLY A 249 -20.68 -7.26 -0.41
CA GLY A 249 -21.71 -8.30 -0.54
C GLY A 249 -21.66 -9.07 -1.84
N MET A 250 -20.76 -8.67 -2.76
CA MET A 250 -20.65 -9.34 -4.06
C MET A 250 -19.43 -10.25 -4.07
N PRO A 251 -19.63 -11.55 -4.26
CA PRO A 251 -18.45 -12.40 -4.42
C PRO A 251 -17.81 -12.21 -5.78
N VAL A 252 -16.54 -12.57 -5.88
CA VAL A 252 -15.87 -12.57 -7.17
C VAL A 252 -16.26 -13.87 -7.86
N ASP A 253 -17.16 -13.76 -8.82
CA ASP A 253 -17.64 -14.91 -9.61
C ASP A 253 -17.89 -14.48 -11.04
N SER A 254 -18.47 -15.37 -11.86
CA SER A 254 -18.75 -15.06 -13.27
CA SER A 254 -18.71 -15.04 -13.26
C SER A 254 -19.55 -13.77 -13.42
N LYS A 255 -20.51 -13.58 -12.51
CA LYS A 255 -21.36 -12.39 -12.56
C LYS A 255 -20.54 -11.10 -12.31
N PHE A 256 -19.62 -11.16 -11.36
CA PHE A 256 -18.79 -9.99 -11.06
C PHE A 256 -17.99 -9.60 -12.29
N TYR A 257 -17.36 -10.59 -12.92
CA TYR A 257 -16.54 -10.32 -14.09
C TYR A 257 -17.36 -9.71 -15.23
N LYS A 258 -18.54 -10.28 -15.45
CA LYS A 258 -19.41 -9.77 -16.52
C LYS A 258 -19.80 -8.34 -16.24
N MET A 259 -20.16 -8.05 -15.00
CA MET A 259 -20.62 -6.70 -14.64
C MET A 259 -19.53 -5.68 -14.81
N ILE A 260 -18.28 -6.03 -14.46
CA ILE A 260 -17.17 -5.12 -14.68
C ILE A 260 -17.04 -4.81 -16.18
N LYS A 261 -17.12 -5.85 -17.01
CA LYS A 261 -16.97 -5.67 -18.46
C LYS A 261 -18.10 -4.80 -19.02
N GLU A 262 -19.29 -4.98 -18.44
CA GLU A 262 -20.47 -4.21 -18.85
C GLU A 262 -20.44 -2.76 -18.43
N GLY A 263 -19.52 -2.41 -17.53
CA GLY A 263 -19.39 -1.02 -17.10
C GLY A 263 -19.95 -0.66 -15.73
N PHE A 264 -20.43 -1.64 -14.97
CA PHE A 264 -20.96 -1.38 -13.63
C PHE A 264 -19.81 -0.91 -12.75
N ARG A 265 -20.06 0.09 -11.89
CA ARG A 265 -19.05 0.59 -10.94
C ARG A 265 -19.70 0.80 -9.58
N MET A 266 -18.88 0.87 -8.54
CA MET A 266 -19.40 1.26 -7.25
C MET A 266 -20.03 2.66 -7.26
N LEU A 267 -20.97 2.83 -6.34
CA LEU A 267 -21.67 4.09 -6.11
C LEU A 267 -20.85 4.92 -5.10
N SER A 268 -21.12 6.22 -5.01
CA SER A 268 -20.38 7.08 -4.08
C SER A 268 -20.56 6.67 -2.61
N PRO A 269 -19.44 6.57 -1.84
CA PRO A 269 -19.59 6.46 -0.39
C PRO A 269 -20.25 7.72 0.19
N GLU A 270 -21.01 7.54 1.25
CA GLU A 270 -21.68 8.68 1.93
C GLU A 270 -20.70 9.81 2.25
N HIS A 271 -19.51 9.45 2.77
CA HIS A 271 -18.53 10.43 3.22
C HIS A 271 -17.53 10.93 2.17
N ALA A 272 -17.73 10.53 0.91
CA ALA A 272 -16.90 11.07 -0.16
C ALA A 272 -17.43 12.43 -0.67
N PRO A 273 -16.59 13.48 -0.66
CA PRO A 273 -16.95 14.70 -1.41
C PRO A 273 -17.19 14.34 -2.90
N ALA A 274 -18.12 15.04 -3.54
CA ALA A 274 -18.42 14.81 -4.94
C ALA A 274 -17.19 14.81 -5.82
N GLU A 275 -16.27 15.73 -5.56
CA GLU A 275 -15.07 15.85 -6.39
C GLU A 275 -14.17 14.62 -6.26
N MET A 276 -14.23 13.99 -5.09
CA MET A 276 -13.46 12.76 -4.80
C MET A 276 -14.11 11.57 -5.50
N TYR A 277 -15.44 11.47 -5.46
CA TYR A 277 -16.13 10.45 -6.27
C TYR A 277 -15.87 10.65 -7.76
N ASP A 278 -15.85 11.90 -8.23
CA ASP A 278 -15.54 12.17 -9.64
C ASP A 278 -14.18 11.61 -9.98
N ILE A 279 -13.19 11.84 -9.12
CA ILE A 279 -11.86 11.26 -9.33
C ILE A 279 -11.94 9.72 -9.40
N MET A 280 -12.58 9.08 -8.43
CA MET A 280 -12.75 7.61 -8.45
C MET A 280 -13.33 7.16 -9.78
N LYS A 281 -14.41 7.82 -10.24
CA LYS A 281 -15.03 7.41 -11.50
C LYS A 281 -14.09 7.51 -12.66
N THR A 282 -13.30 8.58 -12.72
CA THR A 282 -12.33 8.69 -13.81
C THR A 282 -11.23 7.61 -13.71
N CYS A 283 -10.85 7.22 -12.50
CA CYS A 283 -9.85 6.16 -12.32
C CYS A 283 -10.43 4.83 -12.83
N TRP A 284 -11.75 4.71 -12.84
CA TRP A 284 -12.37 3.45 -13.33
C TRP A 284 -12.86 3.49 -14.75
N ASP A 285 -12.36 4.42 -15.56
CA ASP A 285 -12.72 4.37 -16.98
C ASP A 285 -12.25 3.06 -17.60
N ALA A 286 -13.10 2.41 -18.38
CA ALA A 286 -12.70 1.22 -19.10
C ALA A 286 -11.53 1.50 -20.05
N ASP A 287 -11.40 2.73 -20.55
CA ASP A 287 -10.30 3.07 -21.44
C ASP A 287 -9.14 3.60 -20.56
N PRO A 288 -8.01 2.87 -20.51
CA PRO A 288 -6.91 3.34 -19.64
C PRO A 288 -6.40 4.73 -20.03
N LEU A 289 -6.47 5.05 -21.33
CA LEU A 289 -6.02 6.36 -21.79
C LEU A 289 -6.89 7.53 -21.29
N LYS A 290 -8.11 7.26 -20.82
CA LYS A 290 -8.98 8.31 -20.28
C LYS A 290 -8.88 8.47 -18.77
N ARG A 291 -8.08 7.61 -18.13
CA ARG A 291 -7.89 7.78 -16.69
C ARG A 291 -6.88 8.88 -16.46
N PRO A 292 -7.00 9.60 -15.34
CA PRO A 292 -5.99 10.61 -15.01
C PRO A 292 -4.65 9.92 -14.70
N THR A 293 -3.57 10.66 -14.83
CA THR A 293 -2.28 10.20 -14.31
C THR A 293 -2.19 10.56 -12.82
N PHE A 294 -1.24 9.95 -12.11
CA PHE A 294 -1.10 10.34 -10.70
C PHE A 294 -0.67 11.81 -10.57
N LYS A 295 0.16 12.31 -11.48
CA LYS A 295 0.56 13.72 -11.47
C LYS A 295 -0.72 14.59 -11.60
N GLN A 296 -1.62 14.20 -12.49
CA GLN A 296 -2.91 14.91 -12.61
C GLN A 296 -3.79 14.82 -11.35
N ILE A 297 -3.85 13.64 -10.72
CA ILE A 297 -4.61 13.48 -9.49
C ILE A 297 -4.09 14.38 -8.35
N VAL A 298 -2.76 14.43 -8.23
CA VAL A 298 -2.14 15.26 -7.19
C VAL A 298 -2.57 16.72 -7.42
N GLN A 299 -2.46 17.17 -8.68
CA GLN A 299 -2.85 18.55 -9.09
C GLN A 299 -4.33 18.83 -8.75
N LEU A 300 -5.22 17.87 -9.02
CA LEU A 300 -6.64 18.00 -8.68
C LEU A 300 -6.91 18.08 -7.18
N ILE A 301 -6.34 17.15 -6.41
CA ILE A 301 -6.55 17.11 -4.97
C ILE A 301 -5.96 18.35 -4.31
N GLU A 302 -4.90 18.90 -4.91
CA GLU A 302 -4.28 20.14 -4.42
C GLU A 302 -5.29 21.30 -4.50
N LYS A 303 -5.94 21.43 -5.66
CA LYS A 303 -7.00 22.43 -5.88
C LYS A 303 -8.12 22.37 -4.83
N GLN A 304 -8.64 21.17 -4.56
CA GLN A 304 -9.70 21.06 -3.54
C GLN A 304 -9.26 21.18 -2.08
N ILE A 305 -8.01 20.79 -1.76
CA ILE A 305 -7.49 20.93 -0.39
C ILE A 305 -7.26 22.40 -0.03
N SER A 306 -6.90 23.21 -1.04
CA SER A 306 -6.68 24.64 -0.89
C SER A 306 -7.99 25.45 -1.00
N GLU A 307 -9.12 24.74 -1.00
CA GLU A 307 -10.44 25.38 -1.14
C GLU A 307 -11.50 24.70 -0.27
N NO3 B . 19.52 -13.20 11.69
O1 NO3 B . 18.51 -13.59 12.56
O2 NO3 B . 19.32 -13.44 10.33
O3 NO3 B . 20.69 -12.55 12.14
N NO3 C . 4.88 -16.31 11.78
O1 NO3 C . 4.06 -17.08 10.96
O2 NO3 C . 6.25 -16.27 11.53
O3 NO3 C . 4.33 -15.60 12.84
N NO3 D . 5.56 -15.44 1.96
O1 NO3 D . 5.98 -15.05 3.22
O2 NO3 D . 4.73 -14.63 1.19
O3 NO3 D . 5.98 -16.66 1.47
N NO3 E . 18.37 -16.27 3.68
O1 NO3 E . 17.57 -16.34 4.83
O2 NO3 E . 18.74 -15.05 3.14
O3 NO3 E . 18.77 -17.44 3.05
N NO3 F . 18.98 -10.92 -6.30
O1 NO3 F . 17.82 -10.12 -6.41
O2 NO3 F . 20.22 -10.28 -6.26
O3 NO3 F . 18.90 -12.31 -6.21
N NO3 G . 23.74 1.91 7.37
O1 NO3 G . 22.58 1.25 6.96
O2 NO3 G . 24.05 3.16 6.82
O3 NO3 G . 24.58 1.31 8.32
N NO3 H . -17.69 -8.24 0.86
O1 NO3 H . -17.93 -8.54 -0.49
O2 NO3 H . -16.53 -8.73 1.48
O3 NO3 H . -18.60 -7.47 1.59
N NO3 I . -4.74 7.02 16.74
O1 NO3 I . -5.29 5.82 17.23
O2 NO3 I . -5.46 7.83 15.86
O3 NO3 I . -3.47 7.46 17.09
N NO3 J . -15.73 -4.49 7.46
O1 NO3 J . -15.79 -5.79 6.96
O2 NO3 J . -16.18 -3.43 6.67
O3 NO3 J . -15.24 -4.22 8.75
N NO3 K . -21.33 0.49 -3.72
O1 NO3 K . -21.56 -0.44 -2.72
O2 NO3 K . -21.48 0.11 -5.04
O3 NO3 K . -20.94 1.78 -3.38
N NO3 L . -19.76 -3.97 -10.24
O1 NO3 L . -20.51 -5.04 -9.78
O2 NO3 L . -19.96 -2.69 -9.69
O3 NO3 L . -18.82 -4.18 -11.25
N NO3 M . -23.35 1.60 -12.01
O1 NO3 M . -24.39 2.49 -11.90
O2 NO3 M . -22.13 2.04 -12.51
O3 NO3 M . -23.55 0.28 -11.61
N NO3 N . 17.99 7.67 16.13
O1 NO3 N . 17.00 7.79 17.11
O2 NO3 N . 18.70 8.77 15.64
O3 NO3 N . 18.29 6.41 15.63
N NO3 O . 17.19 6.43 21.70
O1 NO3 O . 17.68 5.14 21.91
O2 NO3 O . 17.89 7.31 20.88
O3 NO3 O . 16.02 6.82 22.35
C1 JWY P . 8.67 -3.29 3.29
C2 JWY P . 8.94 -3.65 4.62
C3 JWY P . 10.18 -4.18 4.94
C4 JWY P . 11.19 -4.39 4.01
C5 JWY P . 9.67 -3.51 2.34
C6 JWY P . 10.94 -4.03 2.70
C8 JWY P . 7.91 -3.48 5.67
C11 JWY P . 8.03 -2.44 6.58
C12 JWY P . 7.02 -2.31 7.57
C13 JWY P . 5.93 -3.15 7.62
C15 JWY P . 6.72 -4.34 5.73
C16 JWY P . 4.95 -2.97 8.64
C17 JWY P . 5.13 -1.92 9.58
C19 JWY P . 7.16 -1.25 8.53
C21 JWY P . 4.57 -5.03 6.70
O20 JWY P . 6.59 -5.29 4.89
N14 JWY P . 5.77 -4.16 6.70
C22 JWY P . 4.51 -6.18 7.68
N18 JWY P . 6.19 -1.11 9.48
N32 JWY P . 4.24 -1.67 10.57
C33 JWY P . 3.18 -2.61 10.96
CL9 JWY P . 10.58 -4.62 6.60
F10 JWY P . 11.91 -4.18 1.73
N7 JWY P . 9.58 -3.07 1.01
C23 JWY P . 8.76 -2.09 0.52
O31 JWY P . 7.87 -1.58 1.23
N24 JWY P . 8.98 -1.75 -0.76
C25 JWY P . 8.23 -0.88 -1.58
C26 JWY P . 8.37 -1.05 -2.97
C27 JWY P . 7.63 -0.24 -3.87
C28 JWY P . 6.74 0.75 -3.39
C29 JWY P . 6.61 0.91 -2.00
C30 JWY P . 7.33 0.11 -1.09
#